data_8V7U
#
_entry.id   8V7U
#
_cell.length_a   53.600
_cell.length_b   69.550
_cell.length_c   56.940
_cell.angle_alpha   90.00
_cell.angle_beta   92.13
_cell.angle_gamma   90.00
#
_symmetry.space_group_name_H-M   'P 1 21 1'
#
loop_
_entity.id
_entity.type
_entity.pdbx_description
1 polymer 'Zika virus NS3 helicase domain'
2 non-polymer 'DIMETHYL SULFOXIDE'
3 non-polymer 1,2-ETHANEDIOL
4 non-polymer 'PHOSPHATE ION'
5 non-polymer 2-cyclopentyl-N-(3-methyl-1,2,4-oxadiazol-5-yl)acetamide
6 water water
#
_entity_poly.entity_id   1
_entity_poly.type   'polypeptide(L)'
_entity_poly.pdbx_seq_one_letter_code
;MLKKKQLTVLDLHPGAGKTRRVLPEIVREAIKKRLRTVILAPTRVVAAEMEEALRGLPVRYMTTAVNVTHSGTEIVDLMC
HATFTSRLLQPIRVPNYNLNIMDEAHFTDPSSIAARGYISTRVEMGEAAAIFMTATPPGTRDAFPDSNSPIMDTEVEVPE
RAWSSGFDWVTDHSGKTVWFVPSVRNGNEIAACLTKAGKRVIQLSRKTFETEFQKTKNQEWDFVITTDISEMGANFKADR
VIDSRRCLKPVILDGERVILAGPMPVTHASAAQRRGRIGRNPNKPGDEYMYGGGCAETDEGHAHWLEARMLLDNIYLQDG
LIASLYRPEADKVAAIEGEFKLRTEQRKTFVELMKRGDLPVWLAYQVASAGITYTDRRWCFDGTTNNTIMEDSVPAEVWT
KYGEKRVLKPRWMDARVCSDHAALKSFKEFAAGKR
;
_entity_poly.pdbx_strand_id   A
#
loop_
_chem_comp.id
_chem_comp.type
_chem_comp.name
_chem_comp.formula
DMS non-polymer 'DIMETHYL SULFOXIDE' 'C2 H6 O S'
EDO non-polymer 1,2-ETHANEDIOL 'C2 H6 O2'
PO4 non-polymer 'PHOSPHATE ION' 'O4 P -3'
YDU non-polymer 2-cyclopentyl-N-(3-methyl-1,2,4-oxadiazol-5-yl)acetamide 'C10 H15 N3 O2'
#
# COMPACT_ATOMS: atom_id res chain seq x y z
N MET A 1 -16.25 19.94 11.24
CA MET A 1 -15.25 18.95 10.88
C MET A 1 -14.43 18.51 12.08
N LEU A 2 -13.88 19.49 12.81
CA LEU A 2 -12.89 19.20 13.84
C LEU A 2 -13.50 18.91 15.21
N LYS A 3 -14.81 19.06 15.37
CA LYS A 3 -15.46 18.72 16.62
C LYS A 3 -15.31 17.23 16.90
N LYS A 4 -15.22 16.88 18.19
CA LYS A 4 -15.01 15.49 18.58
C LYS A 4 -16.15 14.62 18.10
N LYS A 5 -15.89 13.31 18.05
CA LYS A 5 -16.86 12.30 17.62
C LYS A 5 -17.31 12.49 16.17
N GLN A 6 -16.54 13.22 15.37
CA GLN A 6 -16.88 13.45 13.97
C GLN A 6 -15.83 12.80 13.06
N LEU A 7 -16.29 11.96 12.15
CA LEU A 7 -15.44 11.42 11.08
C LEU A 7 -15.95 12.00 9.77
N THR A 8 -15.10 12.76 9.09
CA THR A 8 -15.46 13.39 7.83
C THR A 8 -14.73 12.69 6.70
N VAL A 9 -15.47 12.31 5.66
CA VAL A 9 -14.90 11.76 4.44
C VAL A 9 -14.80 12.90 3.44
N LEU A 10 -13.60 13.40 3.21
CA LEU A 10 -13.35 14.43 2.21
C LEU A 10 -13.15 13.73 0.88
N ASP A 11 -14.23 13.64 0.08
CA ASP A 11 -14.24 12.84 -1.13
C ASP A 11 -14.28 13.68 -2.40
N LEU A 12 -13.54 14.78 -2.42
CA LEU A 12 -13.39 15.55 -3.65
C LEU A 12 -12.73 14.69 -4.73
N HIS A 13 -13.07 14.98 -5.98
CA HIS A 13 -12.56 14.19 -7.09
C HIS A 13 -11.03 14.29 -7.17
N PRO A 14 -10.38 13.34 -7.85
CA PRO A 14 -8.91 13.40 -7.94
C PRO A 14 -8.42 14.72 -8.53
N GLY A 15 -7.37 15.27 -7.92
CA GLY A 15 -6.80 16.52 -8.39
C GLY A 15 -7.53 17.77 -7.96
N ALA A 16 -8.54 17.64 -7.11
CA ALA A 16 -9.32 18.80 -6.68
C ALA A 16 -8.60 19.65 -5.63
N GLY A 17 -7.40 19.26 -5.21
CA GLY A 17 -6.65 20.05 -4.26
C GLY A 17 -6.82 19.66 -2.82
N LYS A 18 -7.17 18.40 -2.54
CA LYS A 18 -7.34 17.97 -1.16
C LYS A 18 -6.03 18.05 -0.37
N THR A 19 -4.91 17.76 -1.02
CA THR A 19 -3.62 17.73 -0.33
C THR A 19 -2.95 19.10 -0.27
N ARG A 20 -2.96 19.86 -1.37
CA ARG A 20 -2.22 21.12 -1.42
C ARG A 20 -3.05 22.33 -1.03
N ARG A 21 -4.37 22.23 -1.05
CA ARG A 21 -5.24 23.35 -0.67
C ARG A 21 -6.00 23.11 0.62
N VAL A 22 -6.72 22.00 0.72
CA VAL A 22 -7.57 21.77 1.89
C VAL A 22 -6.73 21.43 3.11
N LEU A 23 -5.74 20.54 2.97
CA LEU A 23 -4.97 20.09 4.14
C LEU A 23 -4.32 21.24 4.90
N PRO A 24 -3.67 22.22 4.26
CA PRO A 24 -3.13 23.33 5.05
C PRO A 24 -4.19 24.16 5.77
N GLU A 25 -5.37 24.33 5.17
CA GLU A 25 -6.46 24.99 5.87
C GLU A 25 -6.82 24.25 7.15
N ILE A 26 -6.98 22.92 7.06
CA ILE A 26 -7.33 22.11 8.23
C ILE A 26 -6.25 22.23 9.30
N VAL A 27 -4.98 22.20 8.90
CA VAL A 27 -3.89 22.14 9.85
C VAL A 27 -3.81 23.43 10.66
N ARG A 28 -3.80 24.59 9.99
CA ARG A 28 -3.74 25.84 10.73
C ARG A 28 -5.01 26.06 11.55
N GLU A 29 -6.13 25.49 11.12
CA GLU A 29 -7.32 25.51 11.94
C GLU A 29 -7.14 24.66 13.19
N ALA A 30 -6.57 23.46 13.04
CA ALA A 30 -6.31 22.60 14.19
C ALA A 30 -5.30 23.23 15.14
N ILE A 31 -4.28 23.89 14.59
CA ILE A 31 -3.30 24.59 15.42
C ILE A 31 -3.97 25.71 16.20
N LYS A 32 -4.86 26.47 15.54
CA LYS A 32 -5.58 27.53 16.22
C LYS A 32 -6.38 26.99 17.41
N LYS A 33 -6.99 25.83 17.25
CA LYS A 33 -7.81 25.21 18.30
C LYS A 33 -6.99 24.37 19.26
N ARG A 34 -5.67 24.35 19.12
CA ARG A 34 -4.78 23.58 20.00
C ARG A 34 -5.15 22.09 19.99
N LEU A 35 -5.50 21.58 18.82
CA LEU A 35 -5.82 20.17 18.64
C LEU A 35 -4.55 19.39 18.33
N ARG A 36 -4.20 18.45 19.21
CA ARG A 36 -3.13 17.51 18.92
C ARG A 36 -3.53 16.67 17.70
N THR A 37 -2.71 16.75 16.65
CA THR A 37 -3.11 16.29 15.32
C THR A 37 -2.06 15.38 14.73
N VAL A 38 -2.50 14.30 14.08
CA VAL A 38 -1.63 13.46 13.28
C VAL A 38 -2.08 13.54 11.83
N ILE A 39 -1.10 13.64 10.94
CA ILE A 39 -1.32 13.58 9.50
C ILE A 39 -0.66 12.31 8.99
N LEU A 40 -1.43 11.49 8.28
CA LEU A 40 -0.96 10.19 7.83
C LEU A 40 -0.82 10.21 6.32
N ALA A 41 0.42 10.07 5.84
CA ALA A 41 0.76 10.00 4.43
C ALA A 41 0.92 8.55 3.99
N PRO A 42 0.41 8.15 2.82
CA PRO A 42 0.56 6.74 2.42
C PRO A 42 2.01 6.34 2.19
N THR A 43 2.82 7.24 1.64
CA THR A 43 4.20 6.96 1.28
C THR A 43 5.08 8.11 1.75
N ARG A 44 6.38 7.84 1.79
CA ARG A 44 7.33 8.89 2.09
C ARG A 44 7.36 9.94 0.99
N VAL A 45 7.02 9.56 -0.25
CA VAL A 45 6.97 10.53 -1.33
C VAL A 45 5.87 11.56 -1.09
N VAL A 46 4.70 11.11 -0.64
CA VAL A 46 3.62 12.03 -0.33
C VAL A 46 3.97 12.86 0.90
N ALA A 47 4.65 12.25 1.88
CA ALA A 47 5.09 12.99 3.06
C ALA A 47 5.95 14.18 2.69
N ALA A 48 6.88 13.99 1.74
CA ALA A 48 7.72 15.10 1.31
C ALA A 48 6.92 16.18 0.59
N GLU A 49 5.94 15.77 -0.21
CA GLU A 49 5.08 16.75 -0.87
C GLU A 49 4.22 17.51 0.13
N MET A 50 3.87 16.87 1.24
CA MET A 50 3.11 17.54 2.28
C MET A 50 3.95 18.62 2.96
N GLU A 51 5.23 18.34 3.20
CA GLU A 51 6.11 19.35 3.77
C GLU A 51 6.14 20.61 2.92
N GLU A 52 6.09 20.44 1.59
CA GLU A 52 6.04 21.60 0.70
C GLU A 52 4.75 22.39 0.90
N ALA A 53 3.62 21.68 0.95
CA ALA A 53 2.33 22.34 1.10
C ALA A 53 2.14 22.93 2.48
N LEU A 54 2.83 22.43 3.49
CA LEU A 54 2.67 22.87 4.87
C LEU A 54 3.87 23.67 5.37
N ARG A 55 4.79 24.05 4.49
CA ARG A 55 6.00 24.72 4.94
C ARG A 55 5.67 26.05 5.58
N GLY A 56 6.31 26.33 6.71
CA GLY A 56 6.01 27.48 7.53
C GLY A 56 5.11 27.19 8.70
N LEU A 57 4.33 26.12 8.64
CA LEU A 57 3.45 25.64 9.71
C LEU A 57 4.21 24.73 10.65
N PRO A 58 3.98 24.85 11.96
CA PRO A 58 4.72 24.01 12.92
C PRO A 58 4.25 22.56 12.89
N VAL A 59 4.93 21.74 12.10
CA VAL A 59 4.59 20.33 11.93
C VAL A 59 5.84 19.50 12.24
N ARG A 60 5.68 18.51 13.11
CA ARG A 60 6.76 17.58 13.44
C ARG A 60 6.72 16.43 12.44
N TYR A 61 7.80 16.28 11.69
CA TYR A 61 7.87 15.29 10.61
C TYR A 61 8.58 14.06 11.13
N MET A 62 7.79 13.02 11.42
CA MET A 62 8.32 11.77 11.96
C MET A 62 8.60 10.79 10.81
N THR A 63 9.53 11.20 9.95
CA THR A 63 9.95 10.42 8.81
C THR A 63 11.29 10.95 8.31
N THR A 64 12.17 10.06 7.86
CA THR A 64 13.46 10.48 7.34
C THR A 64 13.38 11.00 5.91
N ALA A 65 12.19 11.00 5.30
CA ALA A 65 12.01 11.54 3.97
C ALA A 65 12.07 13.06 3.94
N VAL A 66 12.23 13.71 5.09
CA VAL A 66 12.27 15.15 5.20
C VAL A 66 13.40 15.55 6.15
N ASN A 67 14.21 16.52 5.72
CA ASN A 67 15.37 17.03 6.48
C ASN A 67 14.95 18.35 7.11
N VAL A 68 14.31 18.26 8.28
CA VAL A 68 13.74 19.42 8.95
C VAL A 68 14.14 19.39 10.42
N THR A 69 14.71 20.50 10.90
CA THR A 69 14.98 20.66 12.32
C THR A 69 13.69 21.10 13.03
N HIS A 70 13.28 20.32 14.03
CA HIS A 70 12.02 20.57 14.74
C HIS A 70 12.25 21.42 15.98
N SER A 71 11.27 22.26 16.31
CA SER A 71 11.35 23.12 17.47
C SER A 71 10.99 22.40 18.76
N GLY A 72 10.30 21.27 18.68
CA GLY A 72 9.84 20.55 19.85
C GLY A 72 8.50 21.01 20.39
N THR A 73 8.00 22.15 19.93
CA THR A 73 6.73 22.69 20.38
C THR A 73 5.59 22.40 19.40
N GLU A 74 5.84 21.60 18.37
CA GLU A 74 4.79 21.27 17.42
C GLU A 74 3.76 20.35 18.07
N ILE A 75 2.48 20.63 17.81
CA ILE A 75 1.40 19.75 18.21
C ILE A 75 0.80 19.00 17.03
N VAL A 76 1.35 19.17 15.83
CA VAL A 76 0.93 18.43 14.65
C VAL A 76 2.07 17.49 14.27
N ASP A 77 1.75 16.20 14.19
CA ASP A 77 2.70 15.17 13.79
C ASP A 77 2.36 14.67 12.39
N LEU A 78 3.37 14.38 11.60
CA LEU A 78 3.19 13.82 10.27
C LEU A 78 4.02 12.56 10.15
N MET A 79 3.38 11.46 9.74
CA MET A 79 4.06 10.19 9.56
C MET A 79 3.31 9.39 8.51
N CYS A 80 3.93 8.29 8.09
CA CYS A 80 3.26 7.42 7.11
C CYS A 80 2.22 6.55 7.80
N HIS A 81 1.25 6.06 7.00
CA HIS A 81 0.24 5.15 7.54
C HIS A 81 0.90 4.00 8.30
N ALA A 82 1.90 3.37 7.68
CA ALA A 82 2.54 2.21 8.29
C ALA A 82 3.23 2.57 9.59
N THR A 83 3.82 3.76 9.66
CA THR A 83 4.48 4.21 10.88
C THR A 83 3.50 4.36 12.03
N PHE A 84 2.33 4.92 11.75
CA PHE A 84 1.28 5.06 12.76
C PHE A 84 0.93 3.71 13.35
N THR A 85 0.58 2.75 12.49
CA THR A 85 0.22 1.42 12.97
C THR A 85 1.38 0.74 13.67
N SER A 86 2.60 0.90 13.15
CA SER A 86 3.76 0.31 13.79
C SER A 86 3.95 0.85 15.21
N ARG A 87 3.80 2.17 15.38
CA ARG A 87 3.98 2.73 16.71
C ARG A 87 2.89 2.28 17.67
N LEU A 88 1.69 2.04 17.16
CA LEU A 88 0.61 1.51 18.00
C LEU A 88 0.94 0.10 18.48
N LEU A 89 1.56 -0.71 17.62
CA LEU A 89 1.89 -2.08 18.01
C LEU A 89 3.06 -2.13 18.98
N GLN A 90 4.02 -1.23 18.84
CA GLN A 90 5.22 -1.24 19.67
C GLN A 90 4.90 -0.74 21.08
N PRO A 91 5.77 -1.06 22.07
CA PRO A 91 5.57 -0.58 23.45
C PRO A 91 6.08 0.84 23.69
N ILE A 92 5.60 1.78 22.88
CA ILE A 92 5.97 3.18 23.03
C ILE A 92 4.71 4.01 23.13
N ARG A 93 4.84 5.17 23.78
CA ARG A 93 3.70 6.06 23.99
C ARG A 93 3.29 6.72 22.68
N VAL A 94 2.05 6.49 22.26
CA VAL A 94 1.46 7.20 21.14
C VAL A 94 0.44 8.17 21.70
N PRO A 95 0.52 9.46 21.37
CA PRO A 95 -0.47 10.42 21.88
C PRO A 95 -1.86 10.06 21.42
N ASN A 96 -2.85 10.42 22.23
CA ASN A 96 -4.24 10.22 21.86
C ASN A 96 -4.68 11.44 21.06
N TYR A 97 -4.33 11.43 19.77
CA TYR A 97 -4.56 12.57 18.89
C TYR A 97 -6.03 12.96 18.87
N ASN A 98 -6.30 14.25 19.11
CA ASN A 98 -7.67 14.76 19.02
C ASN A 98 -8.15 14.82 17.59
N LEU A 99 -7.24 15.02 16.64
CA LEU A 99 -7.59 15.09 15.23
C LEU A 99 -6.69 14.15 14.44
N ASN A 100 -7.30 13.28 13.64
CA ASN A 100 -6.59 12.27 12.87
C ASN A 100 -6.92 12.48 11.39
N ILE A 101 -5.92 12.85 10.61
CA ILE A 101 -6.09 13.15 9.19
C ILE A 101 -5.33 12.09 8.40
N MET A 102 -6.07 11.28 7.63
CA MET A 102 -5.45 10.29 6.75
C MET A 102 -5.61 10.74 5.31
N ASP A 103 -4.49 11.01 4.65
CA ASP A 103 -4.52 11.31 3.23
C ASP A 103 -4.41 10.02 2.42
N GLU A 104 -5.00 10.05 1.23
CA GLU A 104 -5.14 8.85 0.39
C GLU A 104 -5.68 7.69 1.21
N ALA A 105 -6.79 7.96 1.90
CA ALA A 105 -7.38 7.05 2.87
C ALA A 105 -8.02 5.82 2.23
N HIS A 106 -7.91 5.66 0.91
CA HIS A 106 -8.34 4.46 0.22
C HIS A 106 -7.29 3.35 0.22
N PHE A 107 -6.08 3.63 0.71
CA PHE A 107 -4.98 2.66 0.71
C PHE A 107 -5.41 1.35 1.36
N THR A 108 -5.27 0.24 0.63
CA THR A 108 -5.74 -1.06 1.11
C THR A 108 -4.63 -1.96 1.64
N ASP A 109 -3.44 -1.42 1.89
CA ASP A 109 -2.42 -2.22 2.55
C ASP A 109 -2.82 -2.46 4.01
N PRO A 110 -2.39 -3.58 4.60
CA PRO A 110 -2.91 -3.95 5.94
C PRO A 110 -2.75 -2.87 6.99
N SER A 111 -1.59 -2.21 7.03
CA SER A 111 -1.36 -1.19 8.06
C SER A 111 -2.24 0.04 7.85
N SER A 112 -2.68 0.28 6.61
CA SER A 112 -3.57 1.40 6.36
C SER A 112 -5.00 1.07 6.80
N ILE A 113 -5.47 -0.13 6.45
CA ILE A 113 -6.77 -0.58 6.93
C ILE A 113 -6.81 -0.59 8.45
N ALA A 114 -5.74 -1.06 9.10
CA ALA A 114 -5.72 -1.09 10.56
C ALA A 114 -5.77 0.31 11.13
N ALA A 115 -5.00 1.24 10.55
CA ALA A 115 -5.01 2.62 11.03
C ALA A 115 -6.41 3.23 10.94
N ARG A 116 -7.12 2.96 9.85
CA ARG A 116 -8.51 3.44 9.73
C ARG A 116 -9.39 2.79 10.78
N GLY A 117 -9.18 1.49 11.05
CA GLY A 117 -10.00 0.83 12.05
C GLY A 117 -9.81 1.42 13.43
N TYR A 118 -8.54 1.61 13.81
CA TYR A 118 -8.23 2.18 15.11
C TYR A 118 -8.79 3.60 15.24
N ILE A 119 -8.54 4.43 14.22
CA ILE A 119 -8.98 5.82 14.25
C ILE A 119 -10.50 5.90 14.30
N SER A 120 -11.18 5.20 13.37
CA SER A 120 -12.63 5.27 13.31
C SER A 120 -13.27 4.75 14.59
N THR A 121 -12.62 3.82 15.28
CA THR A 121 -13.16 3.33 16.55
C THR A 121 -13.05 4.41 17.63
N ARG A 122 -11.91 5.10 17.70
CA ARG A 122 -11.78 6.21 18.64
C ARG A 122 -12.82 7.29 18.39
N VAL A 123 -13.11 7.58 17.12
CA VAL A 123 -14.16 8.55 16.79
C VAL A 123 -15.51 8.04 17.27
N GLU A 124 -15.82 6.77 16.99
CA GLU A 124 -17.08 6.18 17.43
C GLU A 124 -17.20 6.20 18.95
N MET A 125 -16.09 6.03 19.66
CA MET A 125 -16.11 6.15 21.12
C MET A 125 -16.28 7.58 21.58
N GLY A 126 -16.30 8.55 20.67
CA GLY A 126 -16.37 9.94 21.05
C GLY A 126 -15.09 10.52 21.60
N GLU A 127 -13.95 9.90 21.30
CA GLU A 127 -12.67 10.32 21.87
C GLU A 127 -11.85 11.21 20.95
N ALA A 128 -12.18 11.27 19.66
CA ALA A 128 -11.36 12.01 18.71
C ALA A 128 -12.19 12.35 17.48
N ALA A 129 -11.62 13.20 16.64
CA ALA A 129 -12.16 13.52 15.33
C ALA A 129 -11.23 12.95 14.26
N ALA A 130 -11.78 12.74 13.08
CA ALA A 130 -11.00 12.17 12.00
C ALA A 130 -11.47 12.73 10.67
N ILE A 131 -10.52 12.88 9.74
CA ILE A 131 -10.80 13.28 8.37
C ILE A 131 -10.11 12.29 7.46
N PHE A 132 -10.88 11.57 6.65
CA PHE A 132 -10.34 10.64 5.67
C PHE A 132 -10.38 11.31 4.30
N MET A 133 -9.22 11.54 3.72
CA MET A 133 -9.10 12.26 2.45
C MET A 133 -8.89 11.25 1.32
N THR A 134 -9.91 11.07 0.48
CA THR A 134 -9.75 10.23 -0.70
C THR A 134 -10.88 10.53 -1.69
N ALA A 135 -10.55 10.52 -2.97
CA ALA A 135 -11.59 10.63 -3.98
C ALA A 135 -12.45 9.36 -4.06
N THR A 136 -11.97 8.24 -3.53
CA THR A 136 -12.62 6.93 -3.69
C THR A 136 -12.77 6.26 -2.33
N PRO A 137 -13.76 6.66 -1.55
CA PRO A 137 -13.99 5.99 -0.26
C PRO A 137 -14.38 4.54 -0.45
N PRO A 138 -14.29 3.71 0.59
CA PRO A 138 -14.65 2.30 0.43
C PRO A 138 -16.09 2.13 -0.05
N GLY A 139 -16.27 1.25 -1.02
CA GLY A 139 -17.57 1.02 -1.60
C GLY A 139 -17.90 1.84 -2.83
N THR A 140 -16.95 2.62 -3.36
CA THR A 140 -17.21 3.41 -4.55
C THR A 140 -17.50 2.51 -5.74
N ARG A 141 -18.53 2.87 -6.51
CA ARG A 141 -18.90 2.15 -7.71
C ARG A 141 -18.60 2.92 -8.98
N ASP A 142 -18.03 4.13 -8.87
CA ASP A 142 -17.81 5.00 -10.02
C ASP A 142 -16.33 4.95 -10.39
N ALA A 143 -16.01 4.23 -11.46
CA ALA A 143 -14.63 4.18 -11.93
C ALA A 143 -14.25 5.38 -12.80
N PHE A 144 -15.20 6.25 -13.13
CA PHE A 144 -14.96 7.39 -14.01
C PHE A 144 -15.40 8.70 -13.34
N PRO A 145 -14.78 9.06 -12.22
CA PRO A 145 -15.19 10.30 -11.53
C PRO A 145 -14.81 11.56 -12.27
N ASP A 146 -15.22 12.72 -11.77
CA ASP A 146 -14.87 13.99 -12.39
C ASP A 146 -13.37 14.22 -12.33
N SER A 147 -12.89 15.07 -13.25
CA SER A 147 -11.48 15.42 -13.33
C SER A 147 -11.35 16.90 -13.62
N ASN A 148 -10.13 17.43 -13.43
CA ASN A 148 -9.87 18.85 -13.68
C ASN A 148 -10.05 19.20 -15.15
N SER A 149 -9.77 18.26 -16.05
CA SER A 149 -9.98 18.47 -17.47
C SER A 149 -10.50 17.18 -18.09
N PRO A 150 -11.25 17.28 -19.19
CA PRO A 150 -11.89 16.09 -19.75
C PRO A 150 -10.87 15.02 -20.10
N ILE A 151 -11.27 13.77 -19.91
CA ILE A 151 -10.46 12.58 -20.19
C ILE A 151 -11.11 11.82 -21.34
N MET A 152 -10.28 11.29 -22.25
CA MET A 152 -10.75 10.39 -23.29
C MET A 152 -10.65 8.95 -22.77
N ASP A 153 -11.79 8.38 -22.42
CA ASP A 153 -11.87 7.01 -21.92
C ASP A 153 -12.08 6.04 -23.07
N THR A 154 -11.20 5.05 -23.21
CA THR A 154 -11.31 4.07 -24.29
C THR A 154 -11.13 2.68 -23.72
N GLU A 155 -12.13 1.84 -23.89
CA GLU A 155 -11.98 0.42 -23.60
C GLU A 155 -11.24 -0.23 -24.75
N VAL A 156 -10.08 -0.82 -24.47
CA VAL A 156 -9.23 -1.39 -25.50
C VAL A 156 -8.47 -2.58 -24.93
N GLU A 157 -8.15 -3.54 -25.79
CA GLU A 157 -7.29 -4.65 -25.40
C GLU A 157 -5.89 -4.14 -25.08
N VAL A 158 -5.40 -4.45 -23.91
CA VAL A 158 -4.12 -3.95 -23.41
C VAL A 158 -3.16 -5.13 -23.26
N PRO A 159 -1.94 -5.06 -23.80
CA PRO A 159 -1.02 -6.19 -23.69
C PRO A 159 -0.66 -6.45 -22.23
N GLU A 160 -0.53 -7.74 -21.90
CA GLU A 160 0.04 -8.17 -20.63
C GLU A 160 1.27 -9.03 -20.83
N ARG A 161 1.73 -9.18 -22.07
CA ARG A 161 2.96 -9.86 -22.43
C ARG A 161 3.66 -9.03 -23.50
N ALA A 162 4.88 -9.42 -23.84
CA ALA A 162 5.54 -8.80 -24.98
C ALA A 162 4.71 -9.04 -26.25
N TRP A 163 4.77 -8.09 -27.16
CA TRP A 163 3.99 -8.18 -28.39
C TRP A 163 4.85 -7.76 -29.57
N SER A 164 4.51 -8.30 -30.74
CA SER A 164 5.20 -7.98 -31.98
C SER A 164 4.32 -7.24 -32.98
N SER A 165 3.01 -7.25 -32.80
CA SER A 165 2.09 -6.58 -33.69
C SER A 165 0.74 -6.48 -32.98
N GLY A 166 -0.17 -5.71 -33.56
CA GLY A 166 -1.52 -5.62 -33.07
C GLY A 166 -1.78 -4.53 -32.05
N PHE A 167 -0.75 -3.82 -31.58
CA PHE A 167 -0.91 -2.77 -30.57
C PHE A 167 -0.11 -1.54 -30.95
N ASP A 168 -0.24 -1.10 -32.21
CA ASP A 168 0.54 0.04 -32.68
C ASP A 168 0.24 1.30 -31.87
N TRP A 169 -0.99 1.45 -31.36
CA TRP A 169 -1.35 2.64 -30.62
C TRP A 169 -0.52 2.81 -29.34
N VAL A 170 0.04 1.73 -28.81
CA VAL A 170 0.82 1.82 -27.59
C VAL A 170 2.11 2.61 -27.84
N THR A 171 2.86 2.22 -28.88
CA THR A 171 4.17 2.83 -29.14
C THR A 171 4.09 4.04 -30.04
N ASP A 172 3.04 4.19 -30.85
CA ASP A 172 2.92 5.35 -31.73
C ASP A 172 2.75 6.65 -30.96
N HIS A 173 2.38 6.57 -29.69
CA HIS A 173 2.17 7.74 -28.86
C HIS A 173 3.48 8.49 -28.63
N SER A 174 3.41 9.82 -28.64
CA SER A 174 4.59 10.65 -28.48
C SER A 174 4.66 11.35 -27.13
N GLY A 175 3.68 11.17 -26.26
CA GLY A 175 3.67 11.75 -24.94
C GLY A 175 4.26 10.83 -23.89
N LYS A 176 3.81 10.99 -22.65
CA LYS A 176 4.25 10.20 -21.54
C LYS A 176 3.09 9.36 -21.02
N THR A 177 3.36 8.07 -20.79
CA THR A 177 2.32 7.11 -20.43
C THR A 177 2.63 6.51 -19.08
N VAL A 178 1.61 6.43 -18.22
CA VAL A 178 1.69 5.65 -16.99
C VAL A 178 0.88 4.38 -17.21
N TRP A 179 1.53 3.24 -17.06
CA TRP A 179 0.95 1.94 -17.39
C TRP A 179 0.85 1.10 -16.13
N PHE A 180 -0.37 0.78 -15.72
CA PHE A 180 -0.64 -0.03 -14.53
C PHE A 180 -0.70 -1.50 -14.91
N VAL A 181 0.25 -2.29 -14.39
CA VAL A 181 0.36 -3.72 -14.64
C VAL A 181 -0.06 -4.48 -13.39
N PRO A 182 -0.44 -5.76 -13.50
CA PRO A 182 -0.89 -6.50 -12.31
C PRO A 182 0.23 -6.95 -11.38
N SER A 183 1.48 -6.99 -11.84
CA SER A 183 2.54 -7.53 -11.00
C SER A 183 3.88 -6.99 -11.45
N VAL A 184 4.87 -7.11 -10.57
CA VAL A 184 6.23 -6.69 -10.91
C VAL A 184 6.75 -7.47 -12.09
N ARG A 185 6.58 -8.80 -12.07
CA ARG A 185 7.12 -9.61 -13.15
C ARG A 185 6.40 -9.36 -14.47
N ASN A 186 5.10 -9.07 -14.43
N ASN A 186 5.10 -9.07 -14.43
CA ASN A 186 4.40 -8.67 -15.65
CA ASN A 186 4.40 -8.67 -15.63
C ASN A 186 4.91 -7.33 -16.16
C ASN A 186 4.92 -7.34 -16.16
N GLY A 187 5.18 -6.40 -15.25
CA GLY A 187 5.78 -5.14 -15.66
C GLY A 187 7.15 -5.30 -16.27
N ASN A 188 7.95 -6.24 -15.75
CA ASN A 188 9.28 -6.50 -16.29
C ASN A 188 9.21 -6.87 -17.78
N GLU A 189 8.28 -7.75 -18.13
CA GLU A 189 8.18 -8.20 -19.51
C GLU A 189 7.71 -7.07 -20.43
N ILE A 190 6.68 -6.34 -20.00
CA ILE A 190 6.22 -5.18 -20.77
C ILE A 190 7.32 -4.15 -20.89
N ALA A 191 8.06 -3.90 -19.80
CA ALA A 191 9.14 -2.93 -19.84
C ALA A 191 10.22 -3.32 -20.83
N ALA A 192 10.60 -4.60 -20.85
CA ALA A 192 11.64 -5.04 -21.77
C ALA A 192 11.19 -4.92 -23.22
N CYS A 193 9.92 -5.20 -23.48
CA CYS A 193 9.39 -5.05 -24.83
C CYS A 193 9.42 -3.59 -25.28
N LEU A 194 8.96 -2.68 -24.40
CA LEU A 194 9.00 -1.26 -24.72
C LEU A 194 10.43 -0.77 -24.90
N THR A 195 11.33 -1.16 -24.00
CA THR A 195 12.72 -0.76 -24.15
C THR A 195 13.31 -1.24 -25.45
N LYS A 196 13.01 -2.49 -25.83
CA LYS A 196 13.45 -3.00 -27.12
C LYS A 196 12.90 -2.15 -28.26
N ALA A 197 11.72 -1.56 -28.09
CA ALA A 197 11.12 -0.69 -29.08
C ALA A 197 11.67 0.74 -29.02
N GLY A 198 12.71 0.99 -28.22
CA GLY A 198 13.32 2.31 -28.16
C GLY A 198 12.75 3.23 -27.11
N LYS A 199 11.86 2.75 -26.25
CA LYS A 199 11.24 3.59 -25.25
C LYS A 199 12.07 3.61 -23.97
N ARG A 200 12.02 4.76 -23.28
CA ARG A 200 12.65 4.91 -21.97
C ARG A 200 11.61 4.60 -20.90
N VAL A 201 11.87 3.58 -20.09
CA VAL A 201 10.89 3.03 -19.17
C VAL A 201 11.43 3.13 -17.76
N ILE A 202 10.58 3.59 -16.84
CA ILE A 202 10.84 3.57 -15.40
C ILE A 202 9.82 2.62 -14.78
N GLN A 203 10.28 1.74 -13.90
CA GLN A 203 9.40 0.76 -13.25
C GLN A 203 9.28 1.07 -11.77
N LEU A 204 8.04 1.06 -11.27
CA LEU A 204 7.72 1.38 -9.89
C LEU A 204 7.02 0.20 -9.23
N SER A 205 7.46 -0.16 -8.03
CA SER A 205 6.78 -1.13 -7.19
C SER A 205 6.93 -0.69 -5.74
N ARG A 206 6.28 -1.41 -4.83
CA ARG A 206 6.30 -1.01 -3.42
C ARG A 206 7.71 -0.92 -2.87
N LYS A 207 8.56 -1.90 -3.18
CA LYS A 207 9.89 -1.94 -2.58
C LYS A 207 10.85 -0.92 -3.19
N THR A 208 10.62 -0.51 -4.44
CA THR A 208 11.48 0.44 -5.11
C THR A 208 10.86 1.83 -5.23
N PHE A 209 9.62 2.01 -4.74
CA PHE A 209 8.87 3.23 -5.03
C PHE A 209 9.57 4.47 -4.48
N GLU A 210 9.92 4.44 -3.20
CA GLU A 210 10.50 5.61 -2.54
C GLU A 210 11.87 5.98 -3.08
N THR A 211 12.38 5.29 -4.10
CA THR A 211 13.66 5.59 -4.74
C THR A 211 13.53 5.80 -6.24
N GLU A 212 12.80 4.92 -6.93
CA GLU A 212 12.65 5.02 -8.38
C GLU A 212 11.73 6.15 -8.80
N PHE A 213 10.82 6.59 -7.92
CA PHE A 213 9.91 7.66 -8.30
C PHE A 213 10.68 8.95 -8.58
N GLN A 214 11.81 9.15 -7.91
CA GLN A 214 12.63 10.34 -8.15
C GLN A 214 13.07 10.41 -9.61
N LYS A 215 13.21 9.26 -10.27
CA LYS A 215 13.63 9.26 -11.67
C LYS A 215 12.58 9.90 -12.57
N THR A 216 11.30 9.87 -12.17
CA THR A 216 10.27 10.53 -12.98
C THR A 216 10.45 12.03 -13.00
N LYS A 217 11.20 12.58 -12.06
CA LYS A 217 11.50 14.01 -12.01
C LYS A 217 12.88 14.35 -12.53
N ASN A 218 13.87 13.47 -12.33
CA ASN A 218 15.27 13.78 -12.63
C ASN A 218 15.68 13.43 -14.05
N GLN A 219 14.96 12.56 -14.73
CA GLN A 219 15.31 12.19 -16.10
C GLN A 219 14.04 12.13 -16.94
N GLU A 220 14.22 12.29 -18.25
CA GLU A 220 13.09 12.18 -19.15
C GLU A 220 12.77 10.71 -19.41
N TRP A 221 11.49 10.44 -19.62
CA TRP A 221 11.01 9.08 -19.76
C TRP A 221 9.83 9.08 -20.71
N ASP A 222 9.53 7.90 -21.26
CA ASP A 222 8.38 7.72 -22.13
C ASP A 222 7.25 6.94 -21.46
N PHE A 223 7.60 5.92 -20.69
CA PHE A 223 6.63 5.08 -20.00
C PHE A 223 7.03 4.93 -18.55
N VAL A 224 6.04 4.98 -17.66
CA VAL A 224 6.19 4.48 -16.31
C VAL A 224 5.40 3.19 -16.20
N ILE A 225 6.08 2.10 -15.87
CA ILE A 225 5.43 0.81 -15.62
C ILE A 225 5.28 0.66 -14.12
N THR A 226 4.05 0.59 -13.64
CA THR A 226 3.84 0.60 -12.20
C THR A 226 2.79 -0.41 -11.78
N THR A 227 2.97 -0.94 -10.57
CA THR A 227 1.95 -1.71 -9.89
C THR A 227 0.94 -0.76 -9.28
N ASP A 228 -0.01 -1.29 -8.53
CA ASP A 228 -1.08 -0.51 -7.90
C ASP A 228 -0.55 0.51 -6.88
N ILE A 229 0.73 0.47 -6.53
CA ILE A 229 1.23 1.40 -5.52
C ILE A 229 1.08 2.84 -5.98
N SER A 230 1.05 3.07 -7.29
CA SER A 230 0.91 4.43 -7.80
C SER A 230 -0.53 4.96 -7.72
N GLU A 231 -1.46 4.17 -7.18
CA GLU A 231 -2.79 4.69 -6.85
C GLU A 231 -2.77 5.61 -5.63
N MET A 232 -1.67 5.66 -4.88
CA MET A 232 -1.64 6.35 -3.59
C MET A 232 -0.97 7.71 -3.72
N GLY A 233 -1.59 8.58 -4.52
CA GLY A 233 -1.17 9.96 -4.61
C GLY A 233 0.09 10.20 -5.41
N ALA A 234 0.56 9.22 -6.18
CA ALA A 234 1.70 9.43 -7.05
C ALA A 234 1.31 10.35 -8.20
N ASN A 235 2.03 11.46 -8.34
CA ASN A 235 1.73 12.45 -9.38
C ASN A 235 2.77 12.36 -10.49
N PHE A 236 2.28 12.33 -11.72
CA PHE A 236 3.11 12.32 -12.91
C PHE A 236 2.68 13.45 -13.82
N LYS A 237 3.60 13.91 -14.66
CA LYS A 237 3.26 14.84 -15.73
C LYS A 237 3.12 14.03 -17.03
N ALA A 238 2.02 13.30 -17.10
CA ALA A 238 1.74 12.41 -18.22
C ALA A 238 0.46 12.84 -18.91
N ASP A 239 0.27 12.34 -20.13
CA ASP A 239 -0.96 12.61 -20.88
C ASP A 239 -1.71 11.34 -21.22
N ARG A 240 -1.29 10.18 -20.71
CA ARG A 240 -1.99 8.95 -21.00
C ARG A 240 -1.77 7.96 -19.88
N VAL A 241 -2.82 7.27 -19.50
CA VAL A 241 -2.73 6.12 -18.61
C VAL A 241 -3.20 4.91 -19.40
N ILE A 242 -2.38 3.87 -19.41
CA ILE A 242 -2.77 2.55 -19.91
C ILE A 242 -3.05 1.69 -18.69
N ASP A 243 -4.25 1.14 -18.61
CA ASP A 243 -4.65 0.40 -17.42
C ASP A 243 -5.07 -1.01 -17.83
N SER A 244 -4.26 -2.00 -17.43
CA SER A 244 -4.68 -3.38 -17.59
C SER A 244 -5.97 -3.68 -16.84
N ARG A 245 -6.31 -2.87 -15.84
CA ARG A 245 -7.47 -3.08 -14.97
C ARG A 245 -7.36 -4.40 -14.20
N ARG A 246 -6.14 -4.91 -14.00
CA ARG A 246 -5.94 -6.20 -13.35
C ARG A 246 -4.97 -6.05 -12.19
N CYS A 247 -5.13 -6.94 -11.21
CA CYS A 247 -4.28 -6.95 -10.04
C CYS A 247 -4.16 -8.39 -9.54
N LEU A 248 -3.20 -8.61 -8.67
CA LEU A 248 -3.11 -9.87 -7.94
C LEU A 248 -3.85 -9.73 -6.63
N LYS A 249 -4.37 -10.85 -6.13
CA LYS A 249 -5.13 -10.85 -4.89
C LYS A 249 -4.55 -11.91 -3.97
N PRO A 250 -3.93 -11.53 -2.85
CA PRO A 250 -3.51 -12.56 -1.88
C PRO A 250 -4.73 -13.18 -1.24
N VAL A 251 -4.77 -14.51 -1.25
CA VAL A 251 -5.90 -15.28 -0.76
C VAL A 251 -5.38 -16.36 0.18
N ILE A 252 -5.93 -16.41 1.38
CA ILE A 252 -5.60 -17.46 2.32
C ILE A 252 -6.44 -18.69 1.99
N LEU A 253 -5.77 -19.79 1.64
CA LEU A 253 -6.44 -21.04 1.27
C LEU A 253 -6.47 -21.97 2.47
N ASP A 254 -7.68 -22.40 2.86
CA ASP A 254 -7.88 -23.34 3.95
C ASP A 254 -7.23 -22.87 5.25
N GLY A 255 -6.96 -21.58 5.38
CA GLY A 255 -6.34 -21.04 6.57
C GLY A 255 -4.90 -21.47 6.78
N GLU A 256 -4.28 -22.07 5.75
CA GLU A 256 -2.96 -22.66 5.91
C GLU A 256 -1.92 -22.18 4.91
N ARG A 257 -2.29 -21.43 3.89
CA ARG A 257 -1.32 -20.90 2.95
C ARG A 257 -1.90 -19.68 2.26
N VAL A 258 -1.02 -18.84 1.74
CA VAL A 258 -1.40 -17.65 0.98
C VAL A 258 -0.94 -17.82 -0.45
N ILE A 259 -1.87 -17.66 -1.39
CA ILE A 259 -1.54 -17.68 -2.80
C ILE A 259 -1.82 -16.30 -3.37
N LEU A 260 -1.15 -15.99 -4.47
CA LEU A 260 -1.41 -14.76 -5.21
C LEU A 260 -2.30 -15.15 -6.38
N ALA A 261 -3.61 -14.97 -6.18
CA ALA A 261 -4.59 -15.35 -7.18
C ALA A 261 -4.72 -14.25 -8.23
N GLY A 262 -5.11 -14.67 -9.43
CA GLY A 262 -5.31 -13.75 -10.51
C GLY A 262 -4.30 -13.91 -11.64
N PRO A 263 -4.01 -12.81 -12.35
CA PRO A 263 -4.57 -11.47 -12.16
C PRO A 263 -6.07 -11.42 -12.37
N MET A 264 -6.73 -10.48 -11.72
CA MET A 264 -8.17 -10.39 -11.74
C MET A 264 -8.54 -8.91 -11.70
N PRO A 265 -9.81 -8.57 -11.97
CA PRO A 265 -10.18 -7.16 -12.07
C PRO A 265 -9.87 -6.39 -10.79
N VAL A 266 -9.58 -5.10 -10.97
CA VAL A 266 -9.40 -4.16 -9.87
C VAL A 266 -10.75 -3.67 -9.40
N THR A 267 -10.80 -3.08 -8.20
CA THR A 267 -12.01 -2.42 -7.73
C THR A 267 -12.28 -1.16 -8.55
N HIS A 268 -13.51 -0.66 -8.42
CA HIS A 268 -13.84 0.63 -9.02
C HIS A 268 -12.97 1.75 -8.45
N ALA A 269 -12.68 1.67 -7.15
CA ALA A 269 -11.81 2.68 -6.53
C ALA A 269 -10.43 2.66 -7.15
N SER A 270 -9.84 1.48 -7.33
CA SER A 270 -8.52 1.38 -7.93
C SER A 270 -8.53 1.89 -9.36
N ALA A 271 -9.55 1.50 -10.15
CA ALA A 271 -9.63 1.98 -11.52
C ALA A 271 -9.77 3.49 -11.57
N ALA A 272 -10.56 4.08 -10.66
CA ALA A 272 -10.70 5.52 -10.62
C ALA A 272 -9.39 6.21 -10.24
N GLN A 273 -8.64 5.60 -9.31
CA GLN A 273 -7.37 6.19 -8.89
C GLN A 273 -6.33 6.08 -9.99
N ARG A 274 -6.32 4.96 -10.72
CA ARG A 274 -5.38 4.81 -11.82
C ARG A 274 -5.68 5.82 -12.92
N ARG A 275 -6.94 5.86 -13.36
CA ARG A 275 -7.38 6.89 -14.29
C ARG A 275 -7.08 8.29 -13.77
N GLY A 276 -7.22 8.49 -12.46
CA GLY A 276 -7.01 9.80 -11.86
C GLY A 276 -5.58 10.29 -11.89
N ARG A 277 -4.64 9.50 -12.40
CA ARG A 277 -3.28 10.01 -12.61
C ARG A 277 -3.24 11.07 -13.69
N ILE A 278 -4.23 11.09 -14.58
CA ILE A 278 -4.24 12.05 -15.68
C ILE A 278 -5.55 12.83 -15.66
N GLY A 279 -5.70 13.77 -16.59
CA GLY A 279 -6.81 14.69 -16.54
C GLY A 279 -6.71 15.70 -15.42
N ARG A 280 -5.52 15.91 -14.87
CA ARG A 280 -5.32 16.77 -13.71
C ARG A 280 -4.97 18.21 -14.07
N ASN A 281 -4.60 18.49 -15.32
CA ASN A 281 -4.26 19.85 -15.71
C ASN A 281 -5.44 20.47 -16.46
N PRO A 282 -6.11 21.47 -15.90
CA PRO A 282 -7.25 22.08 -16.60
C PRO A 282 -6.87 22.73 -17.91
N ASN A 283 -5.60 23.09 -18.10
CA ASN A 283 -5.10 23.69 -19.32
C ASN A 283 -4.70 22.66 -20.38
N LYS A 284 -4.84 21.36 -20.10
CA LYS A 284 -4.45 20.31 -21.03
C LYS A 284 -5.55 19.27 -21.09
N PRO A 285 -6.64 19.56 -21.80
CA PRO A 285 -7.70 18.57 -21.95
C PRO A 285 -7.29 17.47 -22.91
N GLY A 286 -7.97 16.33 -22.80
CA GLY A 286 -7.75 15.24 -23.72
C GLY A 286 -6.66 14.27 -23.35
N ASP A 287 -6.20 14.27 -22.09
CA ASP A 287 -5.45 13.14 -21.59
C ASP A 287 -6.24 11.87 -21.87
N GLU A 288 -5.53 10.76 -22.09
CA GLU A 288 -6.17 9.54 -22.54
C GLU A 288 -6.11 8.47 -21.46
N TYR A 289 -7.22 7.75 -21.28
CA TYR A 289 -7.29 6.62 -20.36
C TYR A 289 -7.73 5.41 -21.17
N MET A 290 -6.80 4.48 -21.41
CA MET A 290 -7.07 3.22 -22.08
C MET A 290 -7.15 2.10 -21.05
N TYR A 291 -8.30 1.45 -20.96
CA TYR A 291 -8.48 0.40 -19.97
C TYR A 291 -8.83 -0.93 -20.64
N GLY A 292 -8.28 -2.01 -20.09
CA GLY A 292 -8.30 -3.31 -20.74
C GLY A 292 -9.13 -4.38 -20.07
N GLY A 293 -10.03 -3.99 -19.18
CA GLY A 293 -10.95 -4.93 -18.58
C GLY A 293 -11.94 -4.18 -17.70
N GLY A 294 -12.88 -4.93 -17.15
CA GLY A 294 -13.87 -4.36 -16.26
C GLY A 294 -13.37 -4.26 -14.83
N CYS A 295 -14.25 -3.76 -13.97
CA CYS A 295 -13.99 -3.70 -12.54
C CYS A 295 -14.83 -4.75 -11.82
N ALA A 296 -14.35 -5.14 -10.64
CA ALA A 296 -15.11 -6.06 -9.79
C ALA A 296 -14.68 -5.81 -8.36
N GLU A 297 -15.55 -6.16 -7.41
N GLU A 297 -15.57 -6.18 -7.44
CA GLU A 297 -15.22 -5.88 -6.02
CA GLU A 297 -15.33 -6.06 -6.02
C GLU A 297 -14.37 -7.04 -5.48
C GLU A 297 -14.38 -7.13 -5.51
N THR A 298 -13.11 -7.04 -5.90
CA THR A 298 -12.14 -8.09 -5.56
C THR A 298 -11.45 -7.86 -4.22
N ASP A 299 -11.84 -6.84 -3.47
CA ASP A 299 -11.32 -6.69 -2.12
C ASP A 299 -12.00 -7.60 -1.11
N GLU A 300 -13.11 -8.24 -1.48
CA GLU A 300 -13.75 -9.19 -0.58
C GLU A 300 -12.98 -10.51 -0.62
N GLY A 301 -12.66 -11.04 0.57
CA GLY A 301 -11.81 -12.20 0.66
C GLY A 301 -10.33 -11.92 0.47
N HIS A 302 -9.97 -10.66 0.26
CA HIS A 302 -8.58 -10.23 0.10
C HIS A 302 -7.84 -10.37 1.43
N ALA A 303 -6.66 -10.98 1.41
CA ALA A 303 -5.94 -11.25 2.64
C ALA A 303 -5.65 -10.00 3.46
N HIS A 304 -5.58 -8.82 2.82
CA HIS A 304 -5.17 -7.63 3.55
C HIS A 304 -6.15 -7.28 4.66
N TRP A 305 -7.44 -7.57 4.49
CA TRP A 305 -8.39 -7.24 5.54
C TRP A 305 -8.31 -8.21 6.72
N LEU A 306 -8.00 -9.48 6.46
CA LEU A 306 -7.71 -10.40 7.56
C LEU A 306 -6.42 -10.01 8.27
N GLU A 307 -5.40 -9.62 7.50
CA GLU A 307 -4.15 -9.17 8.12
C GLU A 307 -4.35 -7.90 8.95
N ALA A 308 -5.20 -6.99 8.47
CA ALA A 308 -5.56 -5.81 9.24
C ALA A 308 -6.18 -6.19 10.58
N ARG A 309 -7.02 -7.24 10.58
CA ARG A 309 -7.59 -7.71 11.84
C ARG A 309 -6.52 -8.34 12.74
N MET A 310 -5.51 -8.99 12.15
CA MET A 310 -4.39 -9.48 12.95
C MET A 310 -3.66 -8.34 13.65
N LEU A 311 -3.50 -7.21 12.95
CA LEU A 311 -2.82 -6.06 13.55
C LEU A 311 -3.68 -5.44 14.66
N LEU A 312 -4.94 -5.14 14.35
CA LEU A 312 -5.81 -4.48 15.32
C LEU A 312 -6.07 -5.34 16.53
N ASP A 313 -6.11 -6.67 16.37
CA ASP A 313 -6.26 -7.56 17.53
C ASP A 313 -5.09 -7.42 18.49
N ASN A 314 -3.96 -6.89 18.03
CA ASN A 314 -2.77 -6.79 18.86
C ASN A 314 -2.39 -5.35 19.16
N ILE A 315 -3.33 -4.42 19.02
CA ILE A 315 -3.13 -3.02 19.39
C ILE A 315 -3.99 -2.75 20.60
N TYR A 316 -3.36 -2.26 21.67
CA TYR A 316 -4.14 -1.91 22.85
C TYR A 316 -5.04 -0.72 22.54
N LEU A 317 -6.29 -0.78 23.00
CA LEU A 317 -7.22 0.31 22.82
C LEU A 317 -7.79 0.77 24.14
N GLN A 318 -8.43 -0.13 24.89
CA GLN A 318 -9.01 0.17 26.20
C GLN A 318 -9.30 -1.14 26.90
N ASP A 319 -8.56 -1.44 27.97
CA ASP A 319 -8.69 -2.71 28.68
C ASP A 319 -8.62 -3.89 27.73
N GLY A 320 -9.69 -4.67 27.67
CA GLY A 320 -9.78 -5.77 26.72
C GLY A 320 -10.44 -5.46 25.41
N LEU A 321 -10.94 -4.23 25.22
CA LEU A 321 -11.61 -3.86 23.99
C LEU A 321 -10.63 -3.88 22.82
N ILE A 322 -11.18 -4.04 21.61
CA ILE A 322 -10.39 -4.22 20.41
C ILE A 322 -11.02 -3.40 19.29
N ALA A 323 -10.19 -2.65 18.57
CA ALA A 323 -10.68 -1.76 17.54
C ALA A 323 -11.32 -2.55 16.40
N SER A 324 -12.44 -2.05 15.91
CA SER A 324 -13.11 -2.63 14.77
C SER A 324 -12.59 -2.01 13.49
N LEU A 325 -12.72 -2.74 12.39
CA LEU A 325 -12.47 -2.16 11.09
C LEU A 325 -13.42 -1.01 10.84
N TYR A 326 -12.93 -0.02 10.09
CA TYR A 326 -13.78 1.05 9.58
C TYR A 326 -15.02 0.45 8.93
N ARG A 327 -16.20 0.88 9.39
CA ARG A 327 -17.43 0.15 9.06
C ARG A 327 -17.65 -0.06 7.57
N PRO A 328 -17.41 0.93 6.68
CA PRO A 328 -17.65 0.67 5.25
C PRO A 328 -16.79 -0.43 4.66
N GLU A 329 -15.72 -0.87 5.34
CA GLU A 329 -14.91 -1.96 4.84
C GLU A 329 -14.87 -3.14 5.82
N ALA A 330 -15.77 -3.14 6.83
CA ALA A 330 -15.75 -4.17 7.85
C ALA A 330 -16.27 -5.53 7.38
N ASP A 331 -17.03 -5.55 6.28
CA ASP A 331 -17.60 -6.80 5.78
C ASP A 331 -16.70 -7.51 4.78
N LYS A 332 -15.52 -6.97 4.49
CA LYS A 332 -14.65 -7.56 3.49
C LYS A 332 -13.91 -8.80 4.00
N VAL A 333 -14.05 -9.14 5.27
CA VAL A 333 -13.35 -10.28 5.86
C VAL A 333 -14.27 -10.98 6.83
N ALA A 334 -14.15 -12.31 6.89
CA ALA A 334 -14.87 -13.11 7.88
C ALA A 334 -13.88 -13.43 8.99
N ALA A 335 -13.87 -12.58 10.01
CA ALA A 335 -12.94 -12.72 11.12
C ALA A 335 -13.64 -12.36 12.43
N ILE A 336 -13.24 -13.02 13.51
CA ILE A 336 -13.78 -12.77 14.84
C ILE A 336 -12.85 -11.79 15.53
N GLU A 337 -13.40 -10.65 15.96
CA GLU A 337 -12.59 -9.64 16.64
C GLU A 337 -11.97 -10.24 17.90
N GLY A 338 -10.64 -10.15 17.97
CA GLY A 338 -9.90 -10.72 19.08
C GLY A 338 -9.31 -12.09 18.83
N GLU A 339 -9.70 -12.76 17.74
CA GLU A 339 -9.24 -14.14 17.57
C GLU A 339 -7.74 -14.22 17.32
N PHE A 340 -7.10 -13.13 16.90
CA PHE A 340 -5.66 -13.13 16.68
C PHE A 340 -4.88 -12.46 17.79
N LYS A 341 -5.52 -12.19 18.92
CA LYS A 341 -4.82 -11.55 20.04
C LYS A 341 -3.78 -12.48 20.61
N LEU A 342 -2.52 -12.06 20.56
CA LEU A 342 -1.40 -12.82 21.10
C LEU A 342 -1.04 -12.31 22.49
N ARG A 343 -0.46 -13.20 23.30
CA ARG A 343 0.06 -12.79 24.59
C ARG A 343 1.36 -12.03 24.41
N THR A 344 1.89 -11.50 25.52
CA THR A 344 2.91 -10.46 25.46
C THR A 344 4.12 -10.89 24.65
N GLU A 345 4.68 -12.06 24.95
CA GLU A 345 5.91 -12.47 24.27
C GLU A 345 5.66 -12.82 22.81
N GLN A 346 4.57 -13.55 22.52
CA GLN A 346 4.27 -13.88 21.14
C GLN A 346 3.94 -12.65 20.32
N ARG A 347 3.34 -11.63 20.95
CA ARG A 347 3.07 -10.38 20.23
C ARG A 347 4.36 -9.67 19.85
N LYS A 348 5.34 -9.64 20.76
CA LYS A 348 6.64 -9.07 20.43
C LYS A 348 7.28 -9.77 19.25
N THR A 349 7.21 -11.11 19.22
CA THR A 349 7.74 -11.86 18.11
C THR A 349 7.02 -11.49 16.81
N PHE A 350 5.69 -11.44 16.87
CA PHE A 350 4.86 -11.05 15.73
C PHE A 350 5.29 -9.71 15.16
N VAL A 351 5.49 -8.72 16.03
CA VAL A 351 5.90 -7.40 15.59
C VAL A 351 7.30 -7.44 14.97
N GLU A 352 8.23 -8.15 15.59
CA GLU A 352 9.60 -8.17 15.07
C GLU A 352 9.67 -8.90 13.73
N LEU A 353 8.89 -9.97 13.57
CA LEU A 353 8.85 -10.65 12.28
C LEU A 353 8.33 -9.74 11.17
N MET A 354 7.43 -8.81 11.52
CA MET A 354 6.90 -7.90 10.51
C MET A 354 7.84 -6.73 10.26
N LYS A 355 8.52 -6.23 11.29
CA LYS A 355 9.39 -5.07 11.12
C LYS A 355 10.76 -5.51 10.62
N ARG A 356 11.60 -6.01 11.53
CA ARG A 356 12.93 -6.46 11.12
C ARG A 356 12.85 -7.65 10.16
N GLY A 357 11.95 -8.60 10.45
CA GLY A 357 11.83 -9.76 9.59
C GLY A 357 11.30 -9.45 8.21
N ASP A 358 10.55 -8.35 8.08
CA ASP A 358 9.94 -7.92 6.82
C ASP A 358 9.05 -9.00 6.22
N LEU A 359 8.42 -9.81 7.08
CA LEU A 359 7.52 -10.83 6.55
C LEU A 359 6.10 -10.28 6.41
N PRO A 360 5.31 -10.83 5.49
CA PRO A 360 3.89 -10.46 5.42
C PRO A 360 3.20 -10.72 6.75
N VAL A 361 2.17 -9.91 7.02
CA VAL A 361 1.47 -10.01 8.31
C VAL A 361 1.05 -11.45 8.59
N TRP A 362 0.37 -12.08 7.63
CA TRP A 362 -0.18 -13.41 7.84
C TRP A 362 0.92 -14.41 8.20
N LEU A 363 2.03 -14.38 7.46
CA LEU A 363 3.11 -15.31 7.74
C LEU A 363 3.73 -15.05 9.11
N ALA A 364 3.98 -13.78 9.44
CA ALA A 364 4.48 -13.44 10.77
C ALA A 364 3.58 -14.00 11.86
N TYR A 365 2.26 -13.92 11.65
CA TYR A 365 1.33 -14.43 12.66
C TYR A 365 1.46 -15.93 12.83
N GLN A 366 1.55 -16.69 11.72
CA GLN A 366 1.66 -18.14 11.85
C GLN A 366 2.88 -18.51 12.68
N VAL A 367 4.01 -17.86 12.43
CA VAL A 367 5.23 -18.19 13.16
C VAL A 367 5.10 -17.79 14.63
N ALA A 368 4.68 -16.55 14.89
CA ALA A 368 4.55 -16.08 16.26
C ALA A 368 3.56 -16.94 17.05
N SER A 369 2.40 -17.25 16.46
CA SER A 369 1.38 -18.03 17.17
C SER A 369 1.78 -19.50 17.33
N ALA A 370 2.77 -19.97 16.58
CA ALA A 370 3.31 -21.31 16.82
C ALA A 370 4.28 -21.35 17.99
N GLY A 371 4.56 -20.21 18.63
CA GLY A 371 5.51 -20.20 19.73
C GLY A 371 6.95 -20.16 19.31
N ILE A 372 7.23 -19.83 18.06
CA ILE A 372 8.59 -19.77 17.53
C ILE A 372 9.18 -18.40 17.84
N THR A 373 10.42 -18.37 18.32
CA THR A 373 11.08 -17.10 18.57
C THR A 373 11.63 -16.51 17.27
N TYR A 374 11.91 -15.20 17.31
CA TYR A 374 12.19 -14.46 16.07
C TYR A 374 13.40 -15.04 15.32
N THR A 375 14.46 -15.42 16.03
CA THR A 375 15.69 -15.87 15.38
C THR A 375 15.67 -17.36 15.03
N ASP A 376 14.65 -18.10 15.45
CA ASP A 376 14.52 -19.52 15.16
C ASP A 376 13.99 -19.69 13.74
N ARG A 377 14.83 -20.16 12.82
CA ARG A 377 14.49 -20.21 11.40
C ARG A 377 14.29 -21.64 10.90
N ARG A 378 14.21 -22.62 11.81
CA ARG A 378 14.05 -24.01 11.40
C ARG A 378 12.76 -24.22 10.59
N TRP A 379 11.73 -23.42 10.86
CA TRP A 379 10.47 -23.51 10.12
C TRP A 379 10.63 -23.18 8.65
N CYS A 380 11.69 -22.48 8.26
CA CYS A 380 11.90 -22.18 6.84
C CYS A 380 12.27 -23.41 6.03
N PHE A 381 12.56 -24.53 6.68
CA PHE A 381 13.06 -25.71 5.99
C PHE A 381 12.30 -27.00 6.27
N ASP A 382 11.36 -27.02 7.23
CA ASP A 382 10.72 -28.26 7.63
C ASP A 382 9.28 -28.37 7.13
N GLY A 383 8.92 -27.63 6.08
CA GLY A 383 7.61 -27.75 5.49
C GLY A 383 7.49 -28.96 4.57
N THR A 384 6.28 -29.18 4.09
CA THR A 384 6.00 -30.26 3.16
C THR A 384 6.63 -29.97 1.79
N THR A 385 6.74 -31.00 0.95
CA THR A 385 7.44 -30.83 -0.32
C THR A 385 6.72 -29.89 -1.26
N ASN A 386 5.38 -29.82 -1.17
CA ASN A 386 4.65 -28.88 -2.01
C ASN A 386 4.97 -27.44 -1.66
N ASN A 387 5.57 -27.19 -0.50
CA ASN A 387 5.97 -25.87 -0.06
C ASN A 387 7.38 -25.50 -0.51
N THR A 388 8.02 -26.33 -1.33
CA THR A 388 9.34 -26.01 -1.86
C THR A 388 9.26 -24.77 -2.74
N ILE A 389 10.09 -23.78 -2.44
CA ILE A 389 10.12 -22.54 -3.20
C ILE A 389 11.05 -22.73 -4.39
N MET A 390 10.57 -22.35 -5.57
CA MET A 390 11.28 -22.54 -6.82
C MET A 390 11.72 -21.21 -7.40
N GLU A 391 12.92 -21.19 -7.97
N GLU A 391 12.94 -21.16 -7.93
CA GLU A 391 13.45 -20.04 -8.71
CA GLU A 391 13.40 -20.03 -8.73
C GLU A 391 14.13 -20.57 -9.96
C GLU A 391 14.11 -20.56 -9.95
N ASP A 392 13.69 -20.10 -11.13
CA ASP A 392 14.22 -20.57 -12.41
C ASP A 392 14.03 -22.07 -12.58
N SER A 393 12.86 -22.56 -12.16
CA SER A 393 12.45 -23.96 -12.24
C SER A 393 13.34 -24.90 -11.44
N VAL A 394 14.19 -24.37 -10.56
CA VAL A 394 15.01 -25.22 -9.67
C VAL A 394 14.67 -24.85 -8.24
N PRO A 395 14.72 -25.78 -7.30
CA PRO A 395 14.44 -25.43 -5.89
C PRO A 395 15.41 -24.38 -5.40
N ALA A 396 14.88 -23.42 -4.64
CA ALA A 396 15.70 -22.38 -4.04
C ALA A 396 16.52 -22.97 -2.89
N GLU A 397 17.78 -22.56 -2.81
CA GLU A 397 18.69 -23.10 -1.81
C GLU A 397 19.37 -21.98 -1.06
N VAL A 398 19.52 -22.15 0.25
CA VAL A 398 20.30 -21.23 1.07
C VAL A 398 21.21 -22.03 1.98
N TRP A 399 22.27 -21.38 2.43
CA TRP A 399 23.09 -21.88 3.53
C TRP A 399 22.44 -21.46 4.83
N THR A 400 22.07 -22.43 5.67
CA THR A 400 21.47 -22.07 6.94
C THR A 400 22.51 -21.40 7.84
N LYS A 401 22.02 -20.82 8.93
CA LYS A 401 22.90 -20.20 9.92
C LYS A 401 23.83 -21.21 10.58
N TYR A 402 23.58 -22.50 10.41
CA TYR A 402 24.47 -23.55 10.90
C TYR A 402 25.54 -23.94 9.89
N GLY A 403 25.52 -23.36 8.70
CA GLY A 403 26.50 -23.70 7.68
C GLY A 403 26.12 -24.86 6.79
N GLU A 404 24.84 -25.17 6.69
CA GLU A 404 24.35 -26.31 5.93
C GLU A 404 23.52 -25.81 4.77
N LYS A 405 23.76 -26.37 3.58
CA LYS A 405 22.97 -26.03 2.40
C LYS A 405 21.65 -26.80 2.44
N ARG A 406 20.54 -26.07 2.43
CA ARG A 406 19.23 -26.70 2.54
C ARG A 406 18.27 -26.06 1.54
N VAL A 407 17.29 -26.85 1.11
CA VAL A 407 16.26 -26.37 0.20
C VAL A 407 15.26 -25.54 0.98
N LEU A 408 14.91 -24.38 0.43
CA LEU A 408 13.90 -23.51 1.03
C LEU A 408 12.54 -24.21 0.97
N LYS A 409 11.96 -24.48 2.14
CA LYS A 409 10.74 -25.27 2.24
C LYS A 409 9.98 -24.86 3.49
N PRO A 410 9.35 -23.69 3.48
CA PRO A 410 8.80 -23.13 4.72
C PRO A 410 7.57 -23.89 5.20
N ARG A 411 7.46 -24.00 6.53
CA ARG A 411 6.33 -24.72 7.12
C ARG A 411 5.00 -24.07 6.73
N TRP A 412 4.97 -22.74 6.64
CA TRP A 412 3.84 -22.02 6.08
C TRP A 412 4.29 -21.36 4.79
N MET A 413 3.52 -21.57 3.71
CA MET A 413 3.83 -21.02 2.40
C MET A 413 3.00 -19.76 2.18
N ASP A 414 3.68 -18.62 2.06
CA ASP A 414 3.07 -17.35 1.70
C ASP A 414 3.70 -16.93 0.38
N ALA A 415 2.90 -16.91 -0.69
CA ALA A 415 3.44 -16.67 -2.03
C ALA A 415 4.07 -15.30 -2.17
N ARG A 416 3.81 -14.39 -1.24
CA ARG A 416 4.38 -13.06 -1.33
C ARG A 416 5.86 -13.04 -1.01
N VAL A 417 6.38 -14.04 -0.30
CA VAL A 417 7.81 -14.09 -0.02
C VAL A 417 8.63 -14.48 -1.23
N CYS A 418 7.97 -14.81 -2.35
CA CYS A 418 8.69 -15.20 -3.55
C CYS A 418 7.92 -14.75 -4.80
N SER A 419 7.26 -13.59 -4.70
CA SER A 419 6.48 -13.08 -5.83
C SER A 419 7.36 -12.53 -6.95
N ASP A 420 8.57 -12.07 -6.63
CA ASP A 420 9.52 -11.64 -7.65
C ASP A 420 10.92 -11.97 -7.14
N HIS A 421 11.93 -11.70 -7.98
CA HIS A 421 13.30 -12.04 -7.61
C HIS A 421 13.72 -11.33 -6.33
N ALA A 422 13.36 -10.05 -6.20
CA ALA A 422 13.76 -9.30 -5.01
C ALA A 422 13.12 -9.88 -3.75
N ALA A 423 11.84 -10.23 -3.80
CA ALA A 423 11.17 -10.79 -2.63
C ALA A 423 11.84 -12.09 -2.19
N LEU A 424 12.08 -12.99 -3.13
CA LEU A 424 12.72 -14.26 -2.76
C LEU A 424 14.12 -14.04 -2.22
N LYS A 425 14.85 -13.09 -2.80
CA LYS A 425 16.18 -12.77 -2.28
C LYS A 425 16.12 -12.35 -0.83
N SER A 426 15.13 -11.53 -0.48
CA SER A 426 14.97 -11.10 0.92
C SER A 426 14.60 -12.27 1.82
N PHE A 427 13.72 -13.16 1.34
CA PHE A 427 13.32 -14.28 2.18
C PHE A 427 14.44 -15.29 2.36
N LYS A 428 15.26 -15.48 1.32
CA LYS A 428 16.44 -16.32 1.47
C LYS A 428 17.38 -15.78 2.54
N GLU A 429 17.61 -14.47 2.55
CA GLU A 429 18.44 -13.89 3.60
C GLU A 429 17.83 -14.12 4.97
N PHE A 430 16.51 -13.98 5.07
CA PHE A 430 15.84 -14.26 6.33
C PHE A 430 16.03 -15.70 6.74
N ALA A 431 15.80 -16.65 5.82
CA ALA A 431 15.93 -18.06 6.15
C ALA A 431 17.34 -18.41 6.60
N ALA A 432 18.34 -17.67 6.11
CA ALA A 432 19.74 -17.89 6.44
C ALA A 432 20.14 -17.23 7.75
N GLY A 433 19.23 -16.54 8.42
CA GLY A 433 19.57 -15.86 9.66
C GLY A 433 20.30 -14.55 9.48
N LYS A 434 20.22 -13.95 8.28
CA LYS A 434 20.96 -12.73 7.98
C LYS A 434 20.32 -11.48 8.59
N ARG A 435 19.10 -11.57 9.10
CA ARG A 435 18.49 -10.45 9.80
C ARG A 435 17.43 -10.95 10.78
S DMS B . 6.61 -3.43 -31.37
O DMS B . 6.66 -3.54 -29.88
C1 DMS B . 6.47 -1.70 -31.90
C2 DMS B . 5.01 -4.06 -31.99
S DMS C . 18.96 -27.48 13.62
O DMS C . 17.84 -28.49 13.65
C1 DMS C . 20.38 -28.16 12.72
C2 DMS C . 19.66 -27.30 15.28
S DMS D . -0.69 3.00 22.29
O DMS D . 0.39 3.10 21.26
C1 DMS D . -1.71 1.53 21.97
C2 DMS D . -1.91 4.32 22.03
S DMS E . 6.28 -8.43 2.64
O DMS E . 7.58 -9.15 2.47
C1 DMS E . 5.50 -8.20 1.02
C2 DMS E . 6.60 -6.71 3.13
S DMS F . -5.38 -16.51 20.76
O DMS F . -4.52 -16.09 19.61
C1 DMS F . -6.12 -18.15 20.43
C2 DMS F . -6.87 -15.49 20.84
S DMS G . -8.75 5.70 23.51
O DMS G . -9.54 6.60 22.61
C1 DMS G . -7.75 6.69 24.66
C2 DMS G . -7.43 4.89 22.56
S DMS H . 10.24 -16.03 -9.05
O DMS H . 10.76 -14.96 -9.96
C1 DMS H . 8.44 -15.86 -8.87
C2 DMS H . 10.79 -15.70 -7.35
S DMS I . 10.06 7.16 12.27
O DMS I . 10.18 6.07 11.24
C1 DMS I . 11.23 8.49 11.88
C2 DMS I . 10.71 6.60 13.87
C1 EDO J . 4.68 2.10 1.05
O1 EDO J . 3.93 0.99 0.54
C2 EDO J . 6.03 2.15 0.34
O2 EDO J . 6.89 3.00 1.10
P PO4 K . -5.95 15.93 -4.81
O1 PO4 K . -5.13 15.63 -3.57
O2 PO4 K . -7.37 16.27 -4.39
O3 PO4 K . -5.98 14.71 -5.70
O4 PO4 K . -5.35 17.09 -5.55
P PO4 L . 1.56 -7.28 -2.68
O1 PO4 L . 2.01 -7.91 -1.38
O2 PO4 L . 2.62 -7.49 -3.73
O3 PO4 L . 0.26 -7.91 -3.12
O4 PO4 L . 1.33 -5.80 -2.47
C10 YDU M . 2.76 -3.10 9.98
C13 YDU M . 4.94 -2.91 11.03
C01 YDU M . 1.53 -4.79 2.18
C02 YDU M . 2.29 -5.22 3.41
C05 YDU M . 2.97 -5.47 5.45
C07 YDU M . 2.38 -4.48 7.78
C09 YDU M . 2.66 -4.51 9.31
C11 YDU M . 3.34 -2.23 9.20
C12 YDU M . 4.79 -1.95 9.82
C14 YDU M . 3.67 -3.20 11.38
N03 YDU M . 3.34 -6.03 3.44
N06 YDU M . 3.13 -5.40 6.91
N15 YDU M . 2.04 -4.86 4.71
O04 YDU M . 3.75 -6.17 4.67
O08 YDU M . 1.57 -3.75 7.33
#